data_8VXD
#
_entry.id   8VXD
#
_cell.length_a   51.556
_cell.length_b   101.921
_cell.length_c   66.891
_cell.angle_alpha   90.00
_cell.angle_beta   102.47
_cell.angle_gamma   90.00
#
_symmetry.space_group_name_H-M   'P 1 21 1'
#
loop_
_entity.id
_entity.type
_entity.pdbx_description
1 polymer 'Casein kinase I isoform delta'
2 non-polymer (4P)-4-[(3P)-3-(5-fluoropyridin-2-yl)-1-methyl-1H-pyrazol-4-yl]-1H-pyrrolo[2,3-b]pyridine
3 water water
#
_entity_poly.entity_id   1
_entity_poly.type   'polypeptide(L)'
_entity_poly.pdbx_seq_one_letter_code
;GMELRVGNRYRLGRKIGSGSFGDIYLGTDIAAGEEVAIKLECVKTKHPQLHIESKIYKMMQGGVGIPTIRWCGAEGDYNV
MVMELLGPSLEDLFNFCSRKFSLKTVLLLADQMISRIEYIHSKNFIHRDVKPDNFLMGLGKKGNLVYIIDFGLAKKYRDA
RTHQHIPYRENKNLTGTARYASINTHLGIEQSRRDDLESLGYVLMYFNLGSLPWQGLKAATKRQKYERISEKKMSTPIEV
LCKGYPSEFATYLNFCRSLRFDDKPDYSYLRQLFRNLFHRQGFSYDYVFDWNMLKFGASR
;
_entity_poly.pdbx_strand_id   A,B
#
loop_
_chem_comp.id
_chem_comp.type
_chem_comp.name
_chem_comp.formula
A1AD7 non-polymer (4P)-4-[(3P)-3-(5-fluoropyridin-2-yl)-1-methyl-1H-pyrazol-4-yl]-1H-pyrrolo[2,3-b]pyridine 'C16 H12 F N5'
#
# COMPACT_ATOMS: atom_id res chain seq x y z
N MET A 2 -24.39 -4.53 3.95
CA MET A 2 -23.81 -3.19 4.25
C MET A 2 -22.40 -3.04 3.71
N GLU A 3 -21.46 -3.81 4.25
CA GLU A 3 -20.07 -3.69 3.82
C GLU A 3 -19.97 -4.02 2.33
N LEU A 4 -19.02 -3.36 1.67
CA LEU A 4 -18.76 -3.67 0.26
C LEU A 4 -18.15 -5.05 0.14
N ARG A 5 -18.74 -5.89 -0.72
CA ARG A 5 -18.18 -7.18 -1.08
C ARG A 5 -18.16 -7.29 -2.59
N VAL A 6 -16.97 -7.55 -3.15
CA VAL A 6 -16.83 -7.70 -4.59
C VAL A 6 -17.53 -8.98 -5.03
N GLY A 7 -18.37 -8.88 -6.06
CA GLY A 7 -19.25 -9.99 -6.41
C GLY A 7 -19.92 -10.62 -5.21
N ASN A 8 -20.25 -9.80 -4.22
CA ASN A 8 -20.80 -10.20 -2.93
C ASN A 8 -19.96 -11.25 -2.20
N ARG A 9 -18.76 -11.53 -2.73
CA ARG A 9 -17.95 -12.63 -2.24
C ARG A 9 -16.77 -12.22 -1.39
N TYR A 10 -16.17 -11.07 -1.68
CA TYR A 10 -14.91 -10.67 -1.06
C TYR A 10 -15.02 -9.31 -0.39
N ARG A 11 -15.18 -9.32 0.93
CA ARG A 11 -15.16 -8.09 1.69
C ARG A 11 -13.94 -7.27 1.35
N LEU A 12 -14.18 -6.04 0.94
CA LEU A 12 -13.11 -5.14 0.55
C LEU A 12 -12.34 -4.59 1.74
N GLY A 13 -11.01 -4.60 1.65
CA GLY A 13 -10.13 -4.06 2.65
C GLY A 13 -9.38 -2.87 2.05
N ARG A 14 -8.44 -2.32 2.81
CA ARG A 14 -7.73 -1.15 2.33
C ARG A 14 -6.66 -1.52 1.29
N LYS A 15 -5.97 -0.51 0.78
CA LYS A 15 -5.00 -0.69 -0.28
C LYS A 15 -3.68 -1.25 0.23
N ILE A 16 -3.08 -2.16 -0.55
CA ILE A 16 -1.78 -2.74 -0.23
C ILE A 16 -0.66 -2.07 -1.02
N GLY A 17 -0.81 -1.99 -2.33
CA GLY A 17 0.19 -1.32 -3.13
C GLY A 17 -0.26 -1.11 -4.56
N SER A 18 0.73 -0.94 -5.44
CA SER A 18 0.58 -1.04 -6.87
C SER A 18 1.45 -2.17 -7.41
N GLY A 19 1.14 -2.63 -8.60
CA GLY A 19 1.88 -3.71 -9.23
C GLY A 19 2.47 -3.17 -10.51
N SER A 20 2.74 -4.02 -11.51
CA SER A 20 3.24 -3.46 -12.76
C SER A 20 2.23 -2.46 -13.32
N PHE A 21 0.94 -2.66 -13.04
CA PHE A 21 -0.11 -1.78 -13.53
C PHE A 21 -1.21 -1.84 -12.47
N GLY A 22 -2.07 -0.83 -12.42
CA GLY A 22 -3.17 -0.80 -11.47
C GLY A 22 -2.88 -0.93 -9.98
N ASP A 23 -3.94 -0.76 -9.16
CA ASP A 23 -3.86 -0.86 -7.70
C ASP A 23 -4.30 -2.22 -7.18
N ILE A 24 -3.76 -2.57 -6.02
CA ILE A 24 -4.00 -3.85 -5.37
C ILE A 24 -4.60 -3.60 -3.99
N TYR A 25 -5.55 -4.45 -3.58
CA TYR A 25 -6.30 -4.22 -2.35
C TYR A 25 -6.35 -5.55 -1.60
N LEU A 26 -6.43 -5.46 -0.28
CA LEU A 26 -6.86 -6.59 0.53
C LEU A 26 -8.35 -6.81 0.51
N GLY A 27 -8.73 -8.06 0.71
CA GLY A 27 -10.12 -8.47 0.83
C GLY A 27 -10.15 -9.68 1.71
N THR A 28 -11.35 -10.11 2.08
CA THR A 28 -11.56 -11.32 2.85
C THR A 28 -12.49 -12.18 2.01
N ASP A 29 -12.14 -13.45 1.80
CA ASP A 29 -13.10 -14.35 1.17
C ASP A 29 -14.01 -14.89 2.24
N ILE A 30 -15.21 -14.30 2.28
CA ILE A 30 -16.09 -14.61 3.39
C ILE A 30 -16.49 -16.09 3.36
N ALA A 31 -16.87 -16.60 2.17
CA ALA A 31 -17.36 -17.99 2.05
C ALA A 31 -16.25 -19.01 2.30
N ALA A 32 -15.07 -18.78 1.73
CA ALA A 32 -13.93 -19.68 1.91
C ALA A 32 -13.23 -19.45 3.22
N GLY A 33 -13.47 -18.31 3.85
CA GLY A 33 -12.79 -17.99 5.08
C GLY A 33 -11.30 -17.76 4.94
N GLU A 34 -10.84 -17.09 3.88
CA GLU A 34 -9.42 -16.85 3.76
C GLU A 34 -9.23 -15.43 3.24
N GLU A 35 -8.08 -14.83 3.54
CA GLU A 35 -7.76 -13.50 3.04
C GLU A 35 -7.38 -13.54 1.56
N VAL A 36 -7.66 -12.47 0.82
CA VAL A 36 -7.29 -12.43 -0.60
C VAL A 36 -6.71 -11.06 -0.99
N ALA A 37 -6.11 -11.03 -2.18
CA ALA A 37 -5.59 -9.82 -2.84
C ALA A 37 -6.43 -9.51 -4.07
N ILE A 38 -6.71 -8.24 -4.32
CA ILE A 38 -7.63 -7.86 -5.41
C ILE A 38 -6.94 -6.83 -6.27
N LYS A 39 -6.91 -7.07 -7.61
CA LYS A 39 -6.31 -6.13 -8.54
C LYS A 39 -7.36 -5.51 -9.42
N LEU A 40 -7.35 -4.19 -9.59
CA LEU A 40 -8.34 -3.53 -10.44
C LEU A 40 -7.66 -2.76 -11.59
N GLU A 41 -8.25 -2.81 -12.78
CA GLU A 41 -7.82 -2.08 -13.95
C GLU A 41 -9.06 -1.45 -14.57
N CYS A 42 -9.03 -0.15 -14.85
CA CYS A 42 -10.20 0.48 -15.47
C CYS A 42 -10.46 -0.22 -16.80
N VAL A 43 -11.70 -0.64 -17.04
CA VAL A 43 -11.99 -1.25 -18.34
C VAL A 43 -11.84 -0.23 -19.45
N LYS A 44 -11.89 1.05 -19.12
CA LYS A 44 -11.72 2.16 -20.05
C LYS A 44 -10.25 2.42 -20.40
N THR A 45 -9.32 1.72 -19.76
CA THR A 45 -7.91 1.96 -20.04
C THR A 45 -7.50 1.66 -21.49
N LYS A 46 -6.51 2.44 -21.93
CA LYS A 46 -6.09 2.48 -23.32
C LYS A 46 -5.47 1.15 -23.79
N HIS A 47 -4.51 0.62 -23.02
CA HIS A 47 -3.83 -0.65 -23.27
C HIS A 47 -4.13 -1.59 -22.11
N PRO A 48 -5.19 -2.39 -22.20
CA PRO A 48 -5.50 -3.27 -21.08
C PRO A 48 -4.38 -4.25 -20.82
N GLN A 49 -4.06 -4.44 -19.54
CA GLN A 49 -2.98 -5.34 -19.16
C GLN A 49 -3.45 -6.49 -18.31
N LEU A 50 -4.63 -6.39 -17.70
CA LEU A 50 -5.05 -7.39 -16.73
C LEU A 50 -5.35 -8.74 -17.37
N HIS A 51 -5.94 -8.73 -18.57
CA HIS A 51 -6.29 -9.99 -19.21
C HIS A 51 -5.08 -10.81 -19.58
N ILE A 52 -4.02 -10.18 -20.06
CA ILE A 52 -2.82 -10.95 -20.37
C ILE A 52 -2.25 -11.60 -19.10
N GLU A 53 -2.12 -10.83 -18.02
CA GLU A 53 -1.58 -11.39 -16.78
C GLU A 53 -2.52 -12.51 -16.28
N SER A 54 -3.84 -12.33 -16.32
CA SER A 54 -4.72 -13.41 -15.86
C SER A 54 -4.53 -14.68 -16.71
N LYS A 55 -4.30 -14.49 -18.02
CA LYS A 55 -4.04 -15.60 -18.95
C LYS A 55 -2.74 -16.31 -18.61
N ILE A 56 -1.71 -15.55 -18.24
CA ILE A 56 -0.44 -16.14 -17.85
C ILE A 56 -0.54 -16.91 -16.54
N TYR A 57 -1.18 -16.31 -15.52
CA TYR A 57 -1.40 -17.03 -14.26
C TYR A 57 -2.12 -18.35 -14.47
N LYS A 58 -3.14 -18.37 -15.31
CA LYS A 58 -3.90 -19.60 -15.50
C LYS A 58 -3.05 -20.72 -16.11
N MET A 59 -2.20 -20.40 -17.09
CA MET A 59 -1.36 -21.47 -17.65
C MET A 59 -0.36 -22.02 -16.63
N MET A 60 0.08 -21.22 -15.67
CA MET A 60 1.02 -21.62 -14.63
C MET A 60 0.30 -22.20 -13.43
N GLN A 61 -1.01 -22.09 -13.39
CA GLN A 61 -1.73 -22.49 -12.18
C GLN A 61 -1.37 -23.93 -11.87
N GLY A 62 -1.19 -24.22 -10.59
CA GLY A 62 -0.80 -25.53 -10.15
C GLY A 62 0.70 -25.69 -9.99
N GLY A 63 1.48 -24.81 -10.61
CA GLY A 63 2.91 -24.77 -10.38
C GLY A 63 3.22 -24.35 -8.96
N VAL A 64 4.32 -24.91 -8.43
CA VAL A 64 4.77 -24.54 -7.10
C VAL A 64 5.04 -23.05 -7.05
N GLY A 65 4.47 -22.37 -6.06
CA GLY A 65 4.73 -20.96 -5.89
C GLY A 65 4.07 -20.06 -6.90
N ILE A 66 3.06 -20.54 -7.62
CA ILE A 66 2.23 -19.69 -8.48
C ILE A 66 0.90 -19.41 -7.76
N PRO A 67 0.56 -18.13 -7.51
CA PRO A 67 -0.70 -17.90 -6.78
C PRO A 67 -1.87 -18.42 -7.58
N THR A 68 -2.85 -18.92 -6.83
CA THR A 68 -4.11 -19.47 -7.32
C THR A 68 -5.12 -18.37 -7.59
N ILE A 69 -5.73 -18.35 -8.77
CA ILE A 69 -6.76 -17.36 -9.06
C ILE A 69 -8.11 -17.83 -8.53
N ARG A 70 -8.75 -16.97 -7.72
CA ARG A 70 -10.05 -17.19 -7.05
C ARG A 70 -11.25 -16.64 -7.80
N TRP A 71 -11.07 -15.57 -8.58
CA TRP A 71 -12.17 -14.92 -9.29
C TRP A 71 -11.51 -13.96 -10.25
N CYS A 72 -12.16 -13.76 -11.39
CA CYS A 72 -11.77 -12.71 -12.33
C CYS A 72 -13.06 -12.26 -13.01
N GLY A 73 -13.57 -11.13 -12.54
CA GLY A 73 -14.82 -10.57 -12.99
C GLY A 73 -14.70 -9.09 -13.27
N ALA A 74 -15.84 -8.45 -13.42
CA ALA A 74 -15.95 -7.01 -13.62
C ALA A 74 -16.87 -6.46 -12.56
N GLU A 75 -16.55 -5.27 -12.06
CA GLU A 75 -17.37 -4.60 -11.05
C GLU A 75 -17.20 -3.12 -11.34
N GLY A 76 -18.34 -2.42 -11.45
CA GLY A 76 -18.31 -1.00 -11.74
C GLY A 76 -17.51 -0.76 -13.01
N ASP A 77 -16.64 0.24 -12.94
CA ASP A 77 -15.77 0.68 -14.03
C ASP A 77 -14.47 -0.12 -14.13
N TYR A 78 -14.34 -1.24 -13.42
CA TYR A 78 -13.05 -1.89 -13.27
C TYR A 78 -13.20 -3.37 -13.56
N ASN A 79 -12.21 -3.91 -14.25
CA ASN A 79 -11.90 -5.34 -14.21
C ASN A 79 -11.11 -5.77 -13.00
N VAL A 80 -11.44 -6.96 -12.51
CA VAL A 80 -10.98 -7.47 -11.23
C VAL A 80 -10.43 -8.90 -11.42
N MET A 81 -9.33 -9.18 -10.71
CA MET A 81 -8.80 -10.53 -10.57
C MET A 81 -8.52 -10.68 -9.09
N VAL A 82 -8.93 -11.82 -8.52
CA VAL A 82 -8.77 -12.09 -7.10
C VAL A 82 -7.91 -13.34 -6.94
N MET A 83 -6.84 -13.23 -6.16
CA MET A 83 -5.88 -14.29 -5.88
C MET A 83 -5.93 -14.53 -4.38
N GLU A 84 -5.51 -15.72 -3.95
CA GLU A 84 -5.27 -15.92 -2.53
C GLU A 84 -4.26 -14.90 -2.00
N LEU A 85 -4.48 -14.44 -0.78
CA LEU A 85 -3.55 -13.50 -0.17
C LEU A 85 -2.27 -14.27 0.16
N LEU A 86 -1.13 -13.66 -0.11
CA LEU A 86 0.17 -14.26 0.23
C LEU A 86 0.79 -13.46 1.36
N GLY A 87 1.99 -13.84 1.79
CA GLY A 87 2.60 -13.14 2.90
C GLY A 87 3.51 -12.00 2.47
N PRO A 88 4.44 -11.60 3.34
CA PRO A 88 5.30 -10.46 2.99
C PRO A 88 6.28 -10.77 1.88
N SER A 89 6.64 -9.72 1.16
CA SER A 89 7.62 -9.78 0.09
C SER A 89 8.99 -9.91 0.72
N LEU A 90 9.97 -10.35 -0.07
CA LEU A 90 11.33 -10.39 0.44
C LEU A 90 11.83 -9.00 0.75
N GLU A 91 11.30 -7.99 0.06
CA GLU A 91 11.66 -6.62 0.40
C GLU A 91 11.16 -6.27 1.80
N ASP A 92 9.91 -6.67 2.13
CA ASP A 92 9.37 -6.33 3.44
C ASP A 92 10.06 -7.14 4.54
N LEU A 93 10.42 -8.40 4.25
CA LEU A 93 11.19 -9.17 5.22
C LEU A 93 12.59 -8.61 5.39
N PHE A 94 13.19 -8.12 4.30
CA PHE A 94 14.52 -7.55 4.40
C PHE A 94 14.49 -6.30 5.27
N ASN A 95 13.51 -5.41 5.08
CA ASN A 95 13.42 -4.22 5.93
C ASN A 95 13.04 -4.58 7.35
N PHE A 96 12.10 -5.52 7.52
CA PHE A 96 11.75 -6.01 8.83
C PHE A 96 12.97 -6.52 9.59
N CYS A 97 13.94 -7.11 8.90
CA CYS A 97 15.16 -7.61 9.53
C CYS A 97 16.28 -6.55 9.59
N SER A 98 15.94 -5.27 9.51
CA SER A 98 16.95 -4.20 9.54
C SER A 98 17.97 -4.31 8.39
N ARG A 99 17.49 -4.79 7.25
CA ARG A 99 18.28 -4.87 6.02
C ARG A 99 19.48 -5.81 6.15
N LYS A 100 19.32 -6.85 6.96
CA LYS A 100 20.38 -7.84 7.20
C LYS A 100 19.76 -9.22 7.09
N PHE A 101 20.11 -9.99 6.05
CA PHE A 101 19.84 -11.42 6.02
C PHE A 101 21.13 -12.22 6.12
N SER A 102 21.07 -13.32 6.87
CA SER A 102 22.22 -14.21 7.01
C SER A 102 22.40 -15.05 5.75
N LEU A 103 23.62 -15.54 5.58
CA LEU A 103 23.93 -16.38 4.42
C LEU A 103 23.01 -17.59 4.29
N LYS A 104 22.74 -18.29 5.39
CA LYS A 104 21.84 -19.44 5.30
C LYS A 104 20.51 -19.06 4.63
N THR A 105 19.89 -17.99 5.10
CA THR A 105 18.59 -17.57 4.53
C THR A 105 18.73 -17.15 3.07
N VAL A 106 19.80 -16.40 2.75
CA VAL A 106 20.03 -15.98 1.37
C VAL A 106 20.15 -17.19 0.49
N LEU A 107 20.83 -18.23 0.98
CA LEU A 107 21.02 -19.46 0.21
C LEU A 107 19.71 -20.24 0.10
N LEU A 108 18.92 -20.29 1.17
CA LEU A 108 17.64 -21.01 1.14
C LEU A 108 16.68 -20.34 0.18
N LEU A 109 16.69 -19.00 0.16
CA LEU A 109 15.88 -18.26 -0.81
C LEU A 109 16.36 -18.54 -2.23
N ALA A 110 17.68 -18.53 -2.44
CA ALA A 110 18.24 -18.75 -3.77
C ALA A 110 17.73 -20.06 -4.38
N ASP A 111 17.66 -21.13 -3.60
CA ASP A 111 17.26 -22.41 -4.18
C ASP A 111 15.88 -22.31 -4.82
N GLN A 112 14.92 -21.72 -4.11
CA GLN A 112 13.57 -21.58 -4.65
C GLN A 112 13.50 -20.51 -5.73
N MET A 113 14.19 -19.37 -5.57
CA MET A 113 14.07 -18.32 -6.57
C MET A 113 14.59 -18.79 -7.92
N ILE A 114 15.70 -19.53 -7.96
CA ILE A 114 16.13 -20.13 -9.22
C ILE A 114 15.05 -21.08 -9.73
N SER A 115 14.47 -21.87 -8.82
CA SER A 115 13.47 -22.84 -9.24
C SER A 115 12.23 -22.15 -9.78
N ARG A 116 11.83 -21.01 -9.20
CA ARG A 116 10.66 -20.31 -9.73
C ARG A 116 10.92 -19.75 -11.15
N ILE A 117 12.08 -19.16 -11.40
CA ILE A 117 12.35 -18.65 -12.73
C ILE A 117 12.46 -19.82 -13.73
N GLU A 118 13.08 -20.93 -13.32
CA GLU A 118 13.14 -22.06 -14.26
C GLU A 118 11.73 -22.51 -14.62
N TYR A 119 10.83 -22.54 -13.64
CA TYR A 119 9.45 -22.93 -13.96
C TYR A 119 8.81 -21.97 -14.93
N ILE A 120 8.94 -20.66 -14.68
CA ILE A 120 8.40 -19.66 -15.57
C ILE A 120 8.94 -19.89 -16.98
N HIS A 121 10.26 -20.09 -17.08
CA HIS A 121 10.87 -20.29 -18.38
C HIS A 121 10.37 -21.58 -19.02
N SER A 122 10.11 -22.61 -18.20
CA SER A 122 9.60 -23.87 -18.76
C SER A 122 8.23 -23.68 -19.37
N LYS A 123 7.53 -22.62 -19.01
CA LYS A 123 6.22 -22.31 -19.56
C LYS A 123 6.29 -21.23 -20.64
N ASN A 124 7.49 -20.96 -21.17
CA ASN A 124 7.67 -20.13 -22.36
C ASN A 124 7.63 -18.62 -22.12
N PHE A 125 7.73 -18.15 -20.88
CA PHE A 125 7.72 -16.73 -20.55
C PHE A 125 9.02 -16.39 -19.84
N ILE A 126 9.38 -15.17 -20.03
CA ILE A 126 10.38 -14.51 -19.23
C ILE A 126 9.74 -13.43 -18.32
N HIS A 127 10.27 -13.28 -17.09
CA HIS A 127 9.58 -12.42 -16.13
C HIS A 127 9.86 -10.96 -16.40
N ARG A 128 11.15 -10.62 -16.54
CA ARG A 128 11.63 -9.29 -16.92
C ARG A 128 11.48 -8.23 -15.83
N ASP A 129 11.11 -8.59 -14.61
CA ASP A 129 10.98 -7.62 -13.51
C ASP A 129 11.39 -8.27 -12.20
N VAL A 130 12.56 -8.90 -12.21
CA VAL A 130 13.08 -9.65 -11.07
C VAL A 130 13.62 -8.68 -10.04
N LYS A 131 12.98 -8.66 -8.87
CA LYS A 131 13.31 -7.74 -7.79
C LYS A 131 12.75 -8.31 -6.50
N PRO A 132 13.26 -7.89 -5.34
CA PRO A 132 12.75 -8.46 -4.09
C PRO A 132 11.26 -8.24 -3.87
N ASP A 133 10.70 -7.15 -4.41
CA ASP A 133 9.27 -6.91 -4.23
C ASP A 133 8.39 -7.96 -4.89
N ASN A 134 8.90 -8.70 -5.87
CA ASN A 134 8.03 -9.60 -6.59
C ASN A 134 8.17 -11.05 -6.16
N PHE A 135 8.79 -11.31 -5.00
CA PHE A 135 8.77 -12.62 -4.38
C PHE A 135 8.12 -12.49 -3.02
N LEU A 136 7.09 -13.29 -2.80
CA LEU A 136 6.30 -13.27 -1.58
C LEU A 136 6.29 -14.63 -0.93
N MET A 137 6.38 -14.60 0.42
CA MET A 137 6.25 -15.90 1.10
C MET A 137 4.74 -16.28 1.18
N GLY A 138 4.48 -17.57 1.35
CA GLY A 138 3.12 -18.04 1.58
C GLY A 138 2.60 -17.74 2.97
N LEU A 139 1.29 -17.92 3.14
CA LEU A 139 0.61 -17.79 4.42
C LEU A 139 0.53 -19.13 5.12
N GLY A 140 0.58 -19.11 6.46
CA GLY A 140 0.24 -20.31 7.23
C GLY A 140 1.16 -21.48 6.94
N LYS A 141 0.55 -22.63 6.65
CA LYS A 141 1.34 -23.83 6.39
C LYS A 141 2.11 -23.73 5.08
N LYS A 142 1.88 -22.68 4.28
CA LYS A 142 2.64 -22.46 3.06
C LYS A 142 3.72 -21.39 3.25
N GLY A 143 4.01 -21.03 4.50
CA GLY A 143 4.91 -19.94 4.83
C GLY A 143 6.36 -20.22 4.55
N ASN A 144 6.68 -21.46 4.21
CA ASN A 144 7.99 -21.92 3.80
C ASN A 144 8.19 -21.92 2.29
N LEU A 145 7.14 -21.58 1.54
CA LEU A 145 7.16 -21.55 0.08
C LEU A 145 7.34 -20.14 -0.47
N VAL A 146 8.32 -19.97 -1.36
CA VAL A 146 8.54 -18.70 -2.04
C VAL A 146 7.66 -18.67 -3.29
N TYR A 147 6.88 -17.61 -3.44
CA TYR A 147 6.05 -17.36 -4.61
C TYR A 147 6.63 -16.25 -5.48
N ILE A 148 6.34 -16.34 -6.79
CA ILE A 148 6.63 -15.28 -7.75
C ILE A 148 5.33 -14.69 -8.27
N ILE A 149 5.28 -13.36 -8.38
CA ILE A 149 4.07 -12.63 -8.74
C ILE A 149 4.39 -11.64 -9.85
N ASP A 150 3.37 -10.87 -10.25
CA ASP A 150 3.51 -9.69 -11.11
C ASP A 150 4.10 -10.03 -12.48
N PHE A 151 3.25 -10.68 -13.30
CA PHE A 151 3.64 -11.08 -14.65
C PHE A 151 3.24 -10.02 -15.69
N GLY A 152 2.97 -8.76 -15.26
CA GLY A 152 2.51 -7.68 -16.13
C GLY A 152 3.54 -7.16 -17.12
N LEU A 153 4.84 -7.41 -16.84
CA LEU A 153 5.92 -7.10 -17.79
C LEU A 153 6.50 -8.39 -18.38
N ALA A 154 5.88 -9.54 -18.07
CA ALA A 154 6.36 -10.82 -18.55
C ALA A 154 6.12 -10.89 -20.06
N LYS A 155 6.96 -11.64 -20.76
CA LYS A 155 6.86 -11.75 -22.21
C LYS A 155 7.18 -13.18 -22.64
N LYS A 156 6.50 -13.63 -23.70
CA LYS A 156 6.81 -14.94 -24.28
C LYS A 156 8.19 -14.83 -24.92
N TYR A 157 9.05 -15.82 -24.65
CA TYR A 157 10.39 -15.83 -25.26
C TYR A 157 10.55 -16.91 -26.30
N ARG A 158 9.57 -17.81 -26.44
CA ARG A 158 9.55 -18.82 -27.48
C ARG A 158 8.10 -19.16 -27.78
N ASP A 159 7.89 -19.94 -28.82
CA ASP A 159 6.56 -20.35 -29.22
C ASP A 159 6.26 -21.73 -28.64
N ALA A 160 5.03 -21.88 -28.13
CA ALA A 160 4.67 -23.09 -27.41
C ALA A 160 5.00 -24.33 -28.23
N ARG A 161 4.55 -24.33 -29.49
CA ARG A 161 4.74 -25.47 -30.37
C ARG A 161 6.21 -25.63 -30.76
N THR A 162 6.76 -24.62 -31.44
CA THR A 162 8.09 -24.80 -32.02
C THR A 162 9.23 -24.65 -31.04
N HIS A 163 9.11 -23.78 -30.02
CA HIS A 163 10.19 -23.49 -29.05
C HIS A 163 11.24 -22.57 -29.66
N GLN A 164 10.83 -21.81 -30.66
CA GLN A 164 11.67 -20.91 -31.44
C GLN A 164 11.72 -19.51 -30.82
N HIS A 165 12.94 -19.03 -30.54
CA HIS A 165 13.13 -17.88 -29.66
C HIS A 165 12.74 -16.61 -30.40
N ILE A 166 12.37 -15.61 -29.61
CA ILE A 166 12.18 -14.24 -30.10
C ILE A 166 13.39 -13.65 -30.81
N PRO A 167 13.17 -12.68 -31.69
CA PRO A 167 14.31 -12.08 -32.39
C PRO A 167 15.12 -11.10 -31.54
N TYR A 168 16.41 -11.06 -31.86
CA TYR A 168 17.29 -10.02 -31.35
C TYR A 168 16.70 -8.67 -31.70
N ARG A 169 16.66 -7.76 -30.73
CA ARG A 169 16.15 -6.43 -30.99
C ARG A 169 16.88 -5.42 -30.12
N GLU A 170 16.88 -4.17 -30.56
CA GLU A 170 17.55 -3.10 -29.82
C GLU A 170 16.63 -1.91 -29.56
N ASN A 171 17.22 -0.85 -29.02
CA ASN A 171 16.53 0.41 -28.74
C ASN A 171 15.17 0.16 -28.09
N LYS A 172 15.22 -0.55 -26.97
CA LYS A 172 14.04 -0.84 -26.15
C LYS A 172 14.25 -0.25 -24.76
N ASN A 173 13.31 0.58 -24.32
CA ASN A 173 13.43 1.24 -23.03
C ASN A 173 13.56 0.20 -21.91
N LEU A 174 14.20 0.61 -20.81
CA LEU A 174 14.45 -0.29 -19.70
C LEU A 174 13.12 -0.70 -19.07
N THR A 175 12.71 -1.94 -19.28
CA THR A 175 11.51 -2.48 -18.64
C THR A 175 11.89 -3.04 -17.27
N GLY A 176 11.10 -2.72 -16.25
CA GLY A 176 11.35 -3.24 -14.93
C GLY A 176 12.11 -2.21 -14.11
N THR A 177 12.85 -2.65 -13.10
CA THR A 177 13.53 -1.74 -12.19
C THR A 177 15.01 -1.67 -12.54
N ALA A 178 15.54 -0.46 -12.65
CA ALA A 178 16.91 -0.25 -13.10
C ALA A 178 17.92 -0.86 -12.13
N ARG A 179 17.61 -0.82 -10.82
CA ARG A 179 18.56 -1.24 -9.80
C ARG A 179 19.00 -2.67 -10.03
N TYR A 180 18.10 -3.55 -10.43
CA TYR A 180 18.39 -4.97 -10.58
C TYR A 180 18.48 -5.38 -12.05
N ALA A 181 18.39 -4.43 -12.98
CA ALA A 181 18.40 -4.73 -14.40
C ALA A 181 19.75 -5.27 -14.84
N SER A 182 19.73 -6.18 -15.82
CA SER A 182 20.97 -6.68 -16.38
C SER A 182 21.66 -5.59 -17.19
N ILE A 183 22.96 -5.74 -17.41
CA ILE A 183 23.69 -4.79 -18.25
C ILE A 183 23.10 -4.79 -19.67
N ASN A 184 22.78 -5.97 -20.20
CA ASN A 184 22.12 -6.04 -21.49
C ASN A 184 20.85 -5.19 -21.50
N THR A 185 20.07 -5.28 -20.42
CA THR A 185 18.84 -4.51 -20.32
C THR A 185 19.13 -3.02 -20.37
N HIS A 186 20.15 -2.58 -19.63
CA HIS A 186 20.55 -1.18 -19.66
C HIS A 186 20.97 -0.74 -21.05
N LEU A 187 21.53 -1.65 -21.84
CA LEU A 187 21.99 -1.34 -23.20
C LEU A 187 20.85 -1.31 -24.21
N GLY A 188 19.61 -1.54 -23.80
CA GLY A 188 18.54 -1.50 -24.77
C GLY A 188 18.36 -2.78 -25.55
N ILE A 189 19.02 -3.85 -25.16
CA ILE A 189 18.93 -5.12 -25.85
C ILE A 189 17.64 -5.79 -25.44
N GLU A 190 16.93 -6.37 -26.40
CA GLU A 190 15.74 -7.16 -26.07
C GLU A 190 16.10 -8.13 -24.95
N GLN A 191 15.28 -8.16 -23.91
CA GLN A 191 15.55 -9.07 -22.79
C GLN A 191 15.26 -10.51 -23.17
N SER A 192 16.01 -11.43 -22.54
CA SER A 192 15.84 -12.86 -22.75
C SER A 192 16.06 -13.59 -21.43
N ARG A 193 16.17 -14.92 -21.50
CA ARG A 193 16.16 -15.79 -20.33
C ARG A 193 17.34 -15.47 -19.41
N ARG A 194 18.49 -15.14 -19.99
CA ARG A 194 19.70 -14.82 -19.23
C ARG A 194 19.47 -13.65 -18.28
N ASP A 195 18.61 -12.72 -18.68
CA ASP A 195 18.46 -11.49 -17.92
C ASP A 195 17.67 -11.70 -16.65
N ASP A 196 16.68 -12.59 -16.67
CA ASP A 196 15.99 -12.88 -15.42
C ASP A 196 16.94 -13.45 -14.34
N LEU A 197 17.84 -14.37 -14.67
CA LEU A 197 18.73 -14.88 -13.66
C LEU A 197 19.80 -13.87 -13.26
N GLU A 198 20.27 -13.05 -14.20
CA GLU A 198 21.25 -12.03 -13.83
C GLU A 198 20.68 -11.03 -12.84
N SER A 199 19.46 -10.56 -13.08
CA SER A 199 18.83 -9.67 -12.11
C SER A 199 18.77 -10.33 -10.74
N LEU A 200 18.41 -11.61 -10.69
CA LEU A 200 18.40 -12.34 -9.42
C LEU A 200 19.77 -12.30 -8.74
N GLY A 201 20.83 -12.40 -9.54
CA GLY A 201 22.16 -12.33 -8.98
C GLY A 201 22.40 -11.01 -8.26
N TYR A 202 21.86 -9.93 -8.80
CA TYR A 202 21.93 -8.63 -8.12
C TYR A 202 21.06 -8.62 -6.87
N VAL A 203 19.92 -9.33 -6.91
CA VAL A 203 19.07 -9.45 -5.74
C VAL A 203 19.84 -10.13 -4.60
N LEU A 204 20.57 -11.21 -4.91
CA LEU A 204 21.31 -11.90 -3.87
C LEU A 204 22.40 -11.01 -3.27
N MET A 205 23.12 -10.27 -4.11
CA MET A 205 24.10 -9.34 -3.56
C MET A 205 23.46 -8.19 -2.81
N TYR A 206 22.26 -7.78 -3.24
CA TYR A 206 21.53 -6.77 -2.50
C TYR A 206 21.20 -7.24 -1.10
N PHE A 207 20.75 -8.50 -0.97
CA PHE A 207 20.49 -9.03 0.36
C PHE A 207 21.77 -9.12 1.19
N ASN A 208 22.88 -9.47 0.56
CA ASN A 208 24.15 -9.56 1.26
C ASN A 208 24.67 -8.19 1.68
N LEU A 209 24.56 -7.19 0.82
CA LEU A 209 25.22 -5.91 1.07
C LEU A 209 24.35 -4.93 1.84
N GLY A 210 23.01 -5.00 1.68
CA GLY A 210 22.13 -4.01 2.25
C GLY A 210 21.76 -2.90 1.30
N SER A 211 22.52 -2.76 0.22
CA SER A 211 22.33 -1.81 -0.86
C SER A 211 23.23 -2.35 -1.97
N LEU A 212 23.14 -1.74 -3.15
CA LEU A 212 24.04 -2.08 -4.23
C LEU A 212 24.98 -0.93 -4.53
N PRO A 213 26.13 -1.21 -5.14
CA PRO A 213 27.13 -0.15 -5.32
C PRO A 213 26.61 0.96 -6.20
N TRP A 214 25.60 0.66 -7.02
CA TRP A 214 24.97 1.60 -7.94
C TRP A 214 23.66 2.16 -7.38
N GLN A 215 23.39 2.02 -6.10
CA GLN A 215 22.11 2.56 -5.66
C GLN A 215 22.09 4.02 -5.24
N GLY A 216 23.04 4.48 -4.45
CA GLY A 216 23.02 5.90 -4.15
C GLY A 216 23.49 6.75 -5.33
N LEU A 217 22.59 7.54 -5.94
CA LEU A 217 23.01 8.45 -7.01
C LEU A 217 21.89 9.42 -7.31
N LYS A 218 22.25 10.69 -7.53
CA LYS A 218 21.27 11.72 -7.86
C LYS A 218 21.20 11.99 -9.35
N ARG A 223 16.22 10.48 -17.21
CA ARG A 223 16.97 9.65 -18.19
C ARG A 223 18.38 9.48 -17.62
N GLN A 224 18.88 10.57 -17.08
CA GLN A 224 20.19 10.57 -16.42
C GLN A 224 20.28 9.63 -15.21
N LYS A 225 19.26 9.58 -14.34
CA LYS A 225 19.40 8.67 -13.21
C LYS A 225 19.61 7.23 -13.68
N TYR A 226 18.85 6.81 -14.68
CA TYR A 226 19.01 5.48 -15.25
C TYR A 226 20.39 5.33 -15.90
N GLU A 227 20.87 6.39 -16.59
CA GLU A 227 22.21 6.38 -17.17
C GLU A 227 23.26 6.22 -16.09
N ARG A 228 23.10 6.94 -14.98
CA ARG A 228 24.06 6.84 -13.88
C ARG A 228 24.10 5.42 -13.30
N ILE A 229 22.94 4.79 -13.15
CA ILE A 229 22.92 3.42 -12.64
C ILE A 229 23.68 2.49 -13.58
N SER A 230 23.37 2.59 -14.88
CA SER A 230 24.05 1.77 -15.89
C SER A 230 25.57 1.90 -15.82
N GLU A 231 26.08 3.12 -15.85
CA GLU A 231 27.53 3.30 -15.88
C GLU A 231 28.19 2.71 -14.65
N LYS A 232 27.61 2.91 -13.47
CA LYS A 232 28.22 2.37 -12.26
C LYS A 232 28.28 0.84 -12.27
N LYS A 233 27.21 0.18 -12.70
CA LYS A 233 27.22 -1.29 -12.76
C LYS A 233 28.22 -1.85 -13.75
N MET A 234 28.22 -1.28 -14.95
CA MET A 234 29.18 -1.74 -15.96
C MET A 234 30.63 -1.50 -15.46
N SER A 235 30.87 -0.38 -14.77
CA SER A 235 32.21 0.01 -14.33
C SER A 235 32.63 -0.75 -13.07
N THR A 236 31.70 -1.54 -12.49
CA THR A 236 31.96 -2.27 -11.25
C THR A 236 32.24 -3.75 -11.48
N PRO A 237 33.49 -4.20 -11.28
CA PRO A 237 33.79 -5.63 -11.45
C PRO A 237 32.99 -6.48 -10.46
N ILE A 238 32.67 -7.71 -10.87
CA ILE A 238 31.96 -8.62 -9.97
C ILE A 238 32.72 -8.74 -8.66
N GLU A 239 34.05 -8.78 -8.71
CA GLU A 239 34.84 -8.94 -7.49
C GLU A 239 34.75 -7.70 -6.60
N VAL A 240 34.56 -6.52 -7.19
CA VAL A 240 34.36 -5.31 -6.42
C VAL A 240 32.93 -5.29 -5.84
N GLY A 244 34.05 -9.93 -1.12
CA GLY A 244 34.01 -10.03 0.33
C GLY A 244 33.03 -11.07 0.84
N TYR A 245 32.23 -11.62 -0.06
CA TYR A 245 31.30 -12.70 0.19
C TYR A 245 31.79 -13.99 -0.48
N PRO A 246 31.26 -15.14 -0.08
CA PRO A 246 31.75 -16.40 -0.67
C PRO A 246 31.75 -16.36 -2.19
N SER A 247 32.77 -16.99 -2.76
CA SER A 247 32.96 -16.91 -4.20
C SER A 247 31.83 -17.50 -5.01
N GLU A 248 31.03 -18.41 -4.46
CA GLU A 248 29.97 -19.00 -5.26
C GLU A 248 29.04 -17.94 -5.83
N PHE A 249 28.82 -16.87 -5.08
CA PHE A 249 27.95 -15.78 -5.50
C PHE A 249 28.51 -15.04 -6.71
N ALA A 250 29.83 -14.78 -6.72
CA ALA A 250 30.47 -14.14 -7.86
C ALA A 250 30.49 -15.03 -9.11
N THR A 251 30.71 -16.33 -8.96
CA THR A 251 30.68 -17.22 -10.12
C THR A 251 29.32 -17.14 -10.81
N TYR A 252 28.24 -17.04 -10.02
CA TYR A 252 26.88 -16.96 -10.54
C TYR A 252 26.70 -15.75 -11.47
N LEU A 253 27.10 -14.55 -11.02
CA LEU A 253 26.87 -13.36 -11.84
C LEU A 253 27.67 -13.40 -13.13
N ASN A 254 28.93 -13.86 -13.07
CA ASN A 254 29.74 -13.94 -14.28
C ASN A 254 29.15 -14.93 -15.26
N PHE A 255 28.64 -16.06 -14.77
CA PHE A 255 28.00 -17.03 -15.65
C PHE A 255 26.82 -16.44 -16.40
N CYS A 256 25.96 -15.67 -15.72
CA CYS A 256 24.77 -15.13 -16.37
C CYS A 256 25.15 -14.14 -17.46
N ARG A 257 26.17 -13.33 -17.24
CA ARG A 257 26.59 -12.39 -18.27
C ARG A 257 27.10 -13.10 -19.53
N SER A 258 27.71 -14.30 -19.39
CA SER A 258 28.28 -15.04 -20.52
C SER A 258 27.26 -15.75 -21.40
N LEU A 259 26.05 -15.89 -20.89
CA LEU A 259 24.98 -16.55 -21.63
C LEU A 259 24.72 -15.78 -22.93
N ARG A 260 24.42 -16.52 -24.01
CA ARG A 260 24.00 -15.90 -25.26
C ARG A 260 22.52 -15.57 -25.22
N PHE A 261 22.11 -14.71 -26.16
CA PHE A 261 20.75 -14.21 -26.20
C PHE A 261 19.76 -15.38 -26.08
N ASP A 262 19.97 -16.44 -26.86
CA ASP A 262 19.01 -17.54 -26.98
C ASP A 262 19.32 -18.70 -26.04
N ASP A 263 20.41 -18.64 -25.27
CA ASP A 263 20.89 -19.80 -24.53
C ASP A 263 19.92 -20.23 -23.42
N LYS A 264 19.78 -21.54 -23.27
CA LYS A 264 19.07 -22.12 -22.14
C LYS A 264 19.98 -22.19 -20.91
N PRO A 265 19.62 -21.58 -19.80
CA PRO A 265 20.49 -21.62 -18.63
C PRO A 265 20.59 -23.04 -18.07
N ASP A 266 21.74 -23.34 -17.45
CA ASP A 266 21.91 -24.60 -16.72
C ASP A 266 21.38 -24.37 -15.31
N TYR A 267 20.05 -24.46 -15.16
CA TYR A 267 19.45 -24.15 -13.87
C TYR A 267 19.93 -25.09 -12.76
N SER A 268 20.10 -26.38 -13.08
CA SER A 268 20.51 -27.33 -12.06
C SER A 268 21.90 -27.02 -11.50
N TYR A 269 22.86 -26.67 -12.37
CA TYR A 269 24.19 -26.26 -11.94
C TYR A 269 24.12 -25.10 -10.95
N LEU A 270 23.31 -24.08 -11.26
CA LEU A 270 23.26 -22.90 -10.42
C LEU A 270 22.73 -23.22 -9.02
N ARG A 271 21.65 -24.01 -8.95
CA ARG A 271 21.16 -24.41 -7.64
C ARG A 271 22.21 -25.20 -6.89
N GLN A 272 22.94 -26.08 -7.59
CA GLN A 272 23.89 -26.94 -6.88
C GLN A 272 25.09 -26.13 -6.42
N LEU A 273 25.41 -25.05 -7.15
CA LEU A 273 26.43 -24.10 -6.74
C LEU A 273 26.22 -23.58 -5.32
N PHE A 274 25.01 -23.12 -5.02
CA PHE A 274 24.76 -22.53 -3.71
C PHE A 274 24.59 -23.58 -2.62
N ARG A 275 23.99 -24.72 -2.97
CA ARG A 275 23.81 -25.82 -2.05
C ARG A 275 25.15 -26.41 -1.59
N ASN A 276 26.15 -26.46 -2.48
CA ASN A 276 27.42 -26.99 -2.00
C ASN A 276 27.98 -26.06 -0.96
N LEU A 277 27.88 -24.76 -1.21
CA LEU A 277 28.19 -23.80 -0.17
C LEU A 277 27.28 -23.99 1.03
N PHE A 278 25.99 -24.17 0.78
CA PHE A 278 25.11 -24.35 1.93
C PHE A 278 25.65 -25.48 2.80
N HIS A 279 26.03 -26.59 2.19
CA HIS A 279 26.56 -27.72 2.96
C HIS A 279 27.91 -27.43 3.61
N ARG A 280 28.86 -26.82 2.87
CA ARG A 280 30.17 -26.58 3.47
C ARG A 280 30.10 -25.62 4.65
N GLN A 281 29.21 -24.63 4.61
CA GLN A 281 29.03 -23.78 5.78
C GLN A 281 28.32 -24.56 6.88
N GLY A 282 27.75 -25.71 6.54
CA GLY A 282 27.08 -26.56 7.49
C GLY A 282 25.80 -26.00 8.07
N PHE A 283 25.07 -25.20 7.29
CA PHE A 283 23.76 -24.76 7.73
C PHE A 283 22.80 -25.94 7.71
N SER A 284 21.80 -25.90 8.60
CA SER A 284 20.80 -26.95 8.67
C SER A 284 19.78 -26.81 7.54
N TYR A 285 19.33 -27.95 7.02
CA TYR A 285 18.27 -27.95 6.00
C TYR A 285 16.91 -27.99 6.70
N ASP A 286 16.71 -27.06 7.63
CA ASP A 286 15.49 -26.91 8.41
C ASP A 286 14.61 -25.76 7.94
N TYR A 287 15.06 -24.99 6.95
CA TYR A 287 14.23 -23.98 6.30
C TYR A 287 13.73 -22.92 7.29
N VAL A 288 14.61 -22.57 8.26
CA VAL A 288 14.29 -21.52 9.23
C VAL A 288 14.96 -20.25 8.71
N PHE A 289 14.13 -19.29 8.42
CA PHE A 289 14.53 -17.95 8.02
C PHE A 289 14.82 -17.02 9.19
N ASP A 290 15.52 -15.93 8.88
CA ASP A 290 15.87 -14.96 9.90
C ASP A 290 14.63 -14.50 10.66
N TRP A 291 13.50 -14.35 9.98
CA TRP A 291 12.26 -13.88 10.59
C TRP A 291 11.48 -14.99 11.28
N ASN A 292 12.00 -16.21 11.25
CA ASN A 292 11.45 -17.32 12.02
C ASN A 292 12.04 -17.32 13.42
N MET A 293 13.28 -16.88 13.54
CA MET A 293 14.05 -16.91 14.77
C MET A 293 14.04 -15.58 15.51
N GLU B 3 6.77 -17.95 11.66
CA GLU B 3 5.61 -17.44 12.38
C GLU B 3 6.04 -16.54 13.54
N LEU B 4 5.28 -15.46 13.75
CA LEU B 4 5.54 -14.51 14.82
C LEU B 4 4.26 -14.28 15.61
N ARG B 5 4.39 -14.20 16.93
CA ARG B 5 3.26 -14.07 17.85
C ARG B 5 3.56 -12.94 18.82
N VAL B 6 2.85 -11.83 18.71
CA VAL B 6 3.04 -10.68 19.60
C VAL B 6 2.33 -10.94 20.91
N GLY B 7 3.00 -10.66 22.02
CA GLY B 7 2.60 -11.32 23.26
C GLY B 7 2.36 -12.77 22.93
N ASN B 8 1.20 -13.30 23.36
CA ASN B 8 0.92 -14.71 23.15
C ASN B 8 -0.49 -14.87 22.63
N ARG B 9 -1.14 -13.76 22.27
CA ARG B 9 -2.56 -13.68 21.94
C ARG B 9 -2.80 -13.55 20.44
N TYR B 10 -1.88 -12.86 19.77
CA TYR B 10 -1.98 -12.46 18.37
C TYR B 10 -0.79 -12.98 17.58
N ARG B 11 -1.08 -13.26 16.30
CA ARG B 11 -0.08 -13.68 15.32
C ARG B 11 0.14 -12.65 14.23
N LEU B 12 1.41 -12.30 14.03
CA LEU B 12 1.76 -11.28 13.04
C LEU B 12 1.61 -11.82 11.62
N GLY B 13 0.98 -11.02 10.77
CA GLY B 13 0.78 -11.39 9.37
C GLY B 13 1.59 -10.47 8.45
N ARG B 14 1.05 -10.15 7.29
CA ARG B 14 1.80 -9.43 6.27
C ARG B 14 1.41 -7.96 6.24
N LYS B 15 2.31 -7.13 5.68
CA LYS B 15 2.06 -5.70 5.69
C LYS B 15 0.88 -5.35 4.80
N ILE B 16 0.03 -4.46 5.33
CA ILE B 16 -1.13 -3.91 4.63
C ILE B 16 -1.00 -2.43 4.24
N GLY B 17 0.15 -1.80 4.49
CA GLY B 17 0.50 -0.44 4.14
C GLY B 17 1.37 0.23 5.21
N SER B 18 1.41 1.56 5.15
CA SER B 18 1.91 2.48 6.17
C SER B 18 0.85 3.46 6.68
N GLY B 19 1.17 4.07 7.83
CA GLY B 19 0.30 5.02 8.48
C GLY B 19 0.92 6.39 8.56
N SER B 20 0.71 7.14 9.65
CA SER B 20 1.37 8.44 9.75
C SER B 20 2.87 8.30 9.89
N PHE B 21 3.37 7.20 10.47
CA PHE B 21 4.81 7.09 10.62
C PHE B 21 5.28 5.64 10.50
N GLY B 22 4.54 4.74 11.15
CA GLY B 22 4.89 3.33 11.15
C GLY B 22 4.20 2.56 10.06
N ASP B 23 4.55 1.29 9.95
CA ASP B 23 3.97 0.41 8.97
C ASP B 23 2.83 -0.37 9.63
N ILE B 24 1.88 -0.79 8.82
CA ILE B 24 0.68 -1.46 9.30
C ILE B 24 0.61 -2.86 8.70
N TYR B 25 0.12 -3.81 9.52
CA TYR B 25 0.10 -5.24 9.24
C TYR B 25 -1.28 -5.78 9.57
N LEU B 26 -1.67 -6.83 8.84
CA LEU B 26 -2.75 -7.72 9.24
C LEU B 26 -2.24 -8.67 10.30
N GLY B 27 -3.16 -9.14 11.13
CA GLY B 27 -2.82 -10.12 12.14
C GLY B 27 -4.01 -10.99 12.44
N THR B 28 -3.77 -12.03 13.22
CA THR B 28 -4.81 -12.94 13.70
C THR B 28 -4.77 -12.96 15.22
N ASP B 29 -5.92 -12.85 15.86
CA ASP B 29 -6.04 -13.07 17.30
C ASP B 29 -6.13 -14.57 17.46
N ILE B 30 -5.03 -15.20 17.90
CA ILE B 30 -4.94 -16.65 17.84
C ILE B 30 -6.02 -17.28 18.69
N ALA B 31 -6.19 -16.77 19.91
CA ALA B 31 -7.16 -17.38 20.81
C ALA B 31 -8.58 -17.18 20.29
N ALA B 32 -8.89 -15.95 19.85
CA ALA B 32 -10.21 -15.66 19.30
C ALA B 32 -10.38 -16.10 17.86
N GLY B 33 -9.32 -16.35 17.11
CA GLY B 33 -9.53 -16.74 15.73
C GLY B 33 -10.15 -15.68 14.83
N GLU B 34 -9.71 -14.42 14.99
CA GLU B 34 -10.21 -13.32 14.18
C GLU B 34 -9.05 -12.40 13.79
N GLU B 35 -9.26 -11.72 12.67
CA GLU B 35 -8.29 -10.77 12.17
C GLU B 35 -8.28 -9.50 12.99
N VAL B 36 -7.09 -8.92 13.07
CA VAL B 36 -6.84 -7.69 13.79
C VAL B 36 -5.91 -6.85 12.92
N ALA B 37 -5.76 -5.59 13.31
CA ALA B 37 -4.81 -4.70 12.67
C ALA B 37 -3.70 -4.40 13.65
N ILE B 38 -2.47 -4.39 13.15
CA ILE B 38 -1.28 -4.24 13.97
C ILE B 38 -0.41 -3.15 13.36
N LYS B 39 0.02 -2.18 14.16
CA LYS B 39 0.94 -1.14 13.72
C LYS B 39 2.27 -1.35 14.41
N LEU B 40 3.34 -1.29 13.63
CA LEU B 40 4.69 -1.48 14.13
C LEU B 40 5.52 -0.23 13.84
N GLU B 41 6.36 0.11 14.78
CA GLU B 41 7.35 1.17 14.72
C GLU B 41 8.66 0.69 15.20
N CYS B 42 9.72 0.91 14.43
CA CYS B 42 11.03 0.45 14.90
C CYS B 42 11.36 1.16 16.20
N VAL B 43 11.77 0.44 17.25
CA VAL B 43 12.13 1.19 18.46
C VAL B 43 13.34 2.09 18.22
N LYS B 44 14.17 1.75 17.24
CA LYS B 44 15.35 2.51 16.81
C LYS B 44 14.88 3.67 15.92
N THR B 45 14.50 4.80 16.50
CA THR B 45 14.11 5.88 15.60
C THR B 45 13.69 7.16 16.31
N LYS B 46 13.29 8.18 15.54
CA LYS B 46 13.07 9.48 16.14
C LYS B 46 11.90 9.44 17.13
N HIS B 47 11.25 8.26 17.26
CA HIS B 47 10.17 7.99 18.18
C HIS B 47 9.16 9.12 18.09
N PRO B 48 8.69 9.48 16.89
CA PRO B 48 7.71 10.59 16.82
C PRO B 48 6.45 10.30 17.60
N GLN B 49 6.05 9.04 17.59
CA GLN B 49 4.81 8.61 18.22
C GLN B 49 4.93 7.10 18.36
N LEU B 50 3.80 6.39 18.25
CA LEU B 50 3.53 4.97 18.50
C LEU B 50 3.13 4.68 19.94
N HIS B 51 3.69 5.41 20.89
CA HIS B 51 3.31 5.23 22.30
C HIS B 51 2.51 6.46 22.65
N ILE B 52 2.95 7.62 22.12
CA ILE B 52 2.18 8.84 22.26
C ILE B 52 0.84 8.67 21.56
N GLU B 53 0.87 8.14 20.33
CA GLU B 53 -0.33 7.89 19.57
C GLU B 53 -1.23 6.88 20.28
N SER B 54 -0.63 5.81 20.83
CA SER B 54 -1.42 4.81 21.53
C SER B 54 -2.13 5.41 22.73
N LYS B 55 -1.47 6.35 23.41
CA LYS B 55 -2.10 7.01 24.55
C LYS B 55 -3.31 7.84 24.15
N ILE B 56 -3.25 8.50 22.99
CA ILE B 56 -4.36 9.29 22.50
C ILE B 56 -5.55 8.38 22.17
N TYR B 57 -5.30 7.27 21.47
CA TYR B 57 -6.37 6.30 21.23
C TYR B 57 -7.04 5.86 22.53
N LYS B 58 -6.23 5.66 23.56
CA LYS B 58 -6.74 5.16 24.84
C LYS B 58 -7.72 6.15 25.47
N MET B 59 -7.42 7.42 25.38
CA MET B 59 -8.28 8.50 25.84
C MET B 59 -9.59 8.57 25.11
N MET B 60 -9.55 8.09 23.83
CA MET B 60 -10.70 8.17 22.92
C MET B 60 -11.64 6.97 23.02
N GLN B 61 -11.26 5.91 23.73
CA GLN B 61 -12.04 4.68 23.73
C GLN B 61 -13.49 4.90 24.17
N GLY B 62 -14.40 4.20 23.49
CA GLY B 62 -15.82 4.26 23.74
C GLY B 62 -16.59 5.23 22.88
N GLY B 63 -15.91 6.21 22.29
CA GLY B 63 -16.53 7.07 21.33
C GLY B 63 -16.92 6.36 20.04
N VAL B 64 -18.01 6.84 19.45
CA VAL B 64 -18.46 6.30 18.17
C VAL B 64 -17.36 6.52 17.14
N GLY B 65 -17.03 5.46 16.41
CA GLY B 65 -16.07 5.53 15.33
C GLY B 65 -14.65 5.65 15.80
N ILE B 66 -14.39 5.30 17.04
CA ILE B 66 -13.04 5.14 17.57
C ILE B 66 -12.71 3.65 17.59
N PRO B 67 -11.67 3.19 16.89
CA PRO B 67 -11.37 1.76 16.87
C PRO B 67 -11.06 1.26 18.28
N THR B 68 -11.44 0.01 18.54
CA THR B 68 -11.22 -0.58 19.84
C THR B 68 -9.77 -1.08 19.93
N ILE B 69 -9.05 -0.67 20.97
CA ILE B 69 -7.69 -1.14 21.15
C ILE B 69 -7.69 -2.47 21.89
N ARG B 70 -7.00 -3.46 21.31
CA ARG B 70 -6.92 -4.82 21.84
C ARG B 70 -5.68 -5.00 22.72
N TRP B 71 -4.60 -4.29 22.41
CA TRP B 71 -3.34 -4.43 23.12
C TRP B 71 -2.40 -3.32 22.70
N CYS B 72 -1.52 -2.93 23.62
CA CYS B 72 -0.40 -2.08 23.26
C CYS B 72 0.77 -2.39 24.18
N GLY B 73 1.98 -2.25 23.64
CA GLY B 73 3.17 -2.59 24.38
C GLY B 73 4.39 -2.41 23.51
N ALA B 74 5.52 -2.94 23.98
CA ALA B 74 6.77 -2.93 23.24
C ALA B 74 7.24 -4.37 23.15
N GLU B 75 7.76 -4.77 21.99
CA GLU B 75 8.25 -6.13 21.84
C GLU B 75 9.39 -6.20 20.84
N GLY B 76 10.48 -6.86 21.23
CA GLY B 76 11.62 -7.00 20.34
C GLY B 76 12.07 -5.64 19.86
N ASP B 77 12.33 -5.54 18.56
CA ASP B 77 12.83 -4.30 18.00
C ASP B 77 11.70 -3.32 17.65
N TYR B 78 10.46 -3.60 18.04
CA TYR B 78 9.31 -2.85 17.55
C TYR B 78 8.39 -2.51 18.72
N ASN B 79 7.86 -1.29 18.68
CA ASN B 79 6.64 -0.94 19.38
C ASN B 79 5.38 -1.36 18.65
N VAL B 80 4.37 -1.80 19.43
CA VAL B 80 3.19 -2.47 18.88
C VAL B 80 1.90 -1.86 19.43
N MET B 81 0.92 -1.73 18.55
CA MET B 81 -0.46 -1.42 18.86
C MET B 81 -1.33 -2.39 18.07
N VAL B 82 -2.33 -2.97 18.74
CA VAL B 82 -3.24 -3.93 18.11
C VAL B 82 -4.63 -3.36 18.19
N MET B 83 -5.29 -3.25 17.02
CA MET B 83 -6.65 -2.70 16.94
C MET B 83 -7.58 -3.77 16.38
N GLU B 84 -8.88 -3.62 16.66
CA GLU B 84 -9.89 -4.36 15.89
C GLU B 84 -9.71 -4.04 14.40
N LEU B 85 -9.89 -5.04 13.54
CA LEU B 85 -9.73 -4.77 12.12
C LEU B 85 -10.93 -3.97 11.64
N LEU B 86 -10.66 -2.94 10.86
CA LEU B 86 -11.72 -2.14 10.24
C LEU B 86 -11.67 -2.39 8.74
N GLY B 87 -12.57 -1.75 8.01
CA GLY B 87 -12.62 -1.94 6.58
C GLY B 87 -11.84 -0.93 5.77
N PRO B 88 -12.22 -0.80 4.50
CA PRO B 88 -11.52 0.11 3.59
C PRO B 88 -11.81 1.57 3.91
N SER B 89 -10.85 2.42 3.55
CA SER B 89 -10.97 3.86 3.74
C SER B 89 -11.93 4.47 2.72
N LEU B 90 -12.36 5.69 3.01
CA LEU B 90 -13.20 6.40 2.05
C LEU B 90 -12.43 6.70 0.77
N GLU B 91 -11.10 6.82 0.86
CA GLU B 91 -10.30 6.99 -0.34
C GLU B 91 -10.36 5.73 -1.18
N ASP B 92 -10.28 4.56 -0.53
CA ASP B 92 -10.30 3.30 -1.27
C ASP B 92 -11.69 3.04 -1.84
N LEU B 93 -12.74 3.42 -1.09
CA LEU B 93 -14.10 3.32 -1.61
C LEU B 93 -14.33 4.32 -2.73
N PHE B 94 -13.72 5.50 -2.63
CA PHE B 94 -13.87 6.53 -3.64
C PHE B 94 -13.31 6.07 -4.99
N ASN B 95 -12.13 5.43 -4.99
CA ASN B 95 -11.58 4.94 -6.26
C ASN B 95 -12.46 3.83 -6.84
N PHE B 96 -12.94 2.91 -6.00
CA PHE B 96 -13.88 1.87 -6.44
C PHE B 96 -15.11 2.47 -7.12
N CYS B 97 -15.56 3.64 -6.67
CA CYS B 97 -16.73 4.31 -7.24
C CYS B 97 -16.38 5.22 -8.40
N SER B 98 -15.24 4.97 -9.05
CA SER B 98 -14.77 5.74 -10.20
C SER B 98 -14.61 7.21 -9.85
N ARG B 99 -14.26 7.46 -8.59
CA ARG B 99 -13.96 8.81 -8.11
C ARG B 99 -15.14 9.76 -8.22
N LYS B 100 -16.35 9.23 -8.09
CA LYS B 100 -17.58 9.99 -8.17
C LYS B 100 -18.43 9.53 -6.99
N PHE B 101 -18.69 10.42 -6.04
CA PHE B 101 -19.73 10.16 -5.06
C PHE B 101 -20.91 11.08 -5.31
N SER B 102 -22.11 10.54 -5.11
CA SER B 102 -23.36 11.27 -5.24
C SER B 102 -23.57 12.19 -4.04
N LEU B 103 -24.44 13.17 -4.24
CA LEU B 103 -24.74 14.09 -3.14
C LEU B 103 -25.17 13.32 -1.91
N LYS B 104 -26.06 12.35 -2.09
CA LYS B 104 -26.51 11.55 -0.95
C LYS B 104 -25.35 10.97 -0.17
N THR B 105 -24.39 10.34 -0.84
CA THR B 105 -23.28 9.74 -0.10
C THR B 105 -22.44 10.80 0.60
N VAL B 106 -22.18 11.93 -0.07
CA VAL B 106 -21.39 12.98 0.56
C VAL B 106 -22.07 13.49 1.82
N LEU B 107 -23.39 13.66 1.79
CA LEU B 107 -24.09 14.17 2.97
C LEU B 107 -24.11 13.15 4.09
N LEU B 108 -24.32 11.87 3.75
CA LEU B 108 -24.31 10.87 4.82
C LEU B 108 -22.95 10.79 5.48
N LEU B 109 -21.87 10.87 4.68
CA LEU B 109 -20.50 10.90 5.21
C LEU B 109 -20.26 12.17 6.02
N ALA B 110 -20.68 13.32 5.48
CA ALA B 110 -20.45 14.58 6.20
C ALA B 110 -21.01 14.50 7.62
N ASP B 111 -22.21 13.93 7.76
CA ASP B 111 -22.84 13.88 9.07
C ASP B 111 -21.98 13.13 10.08
N GLN B 112 -21.48 11.96 9.67
CA GLN B 112 -20.66 11.18 10.59
C GLN B 112 -19.29 11.83 10.78
N MET B 113 -18.70 12.33 9.71
CA MET B 113 -17.35 12.89 9.81
C MET B 113 -17.34 14.13 10.74
N ILE B 114 -18.36 14.98 10.63
CA ILE B 114 -18.42 16.12 11.56
C ILE B 114 -18.50 15.62 13.00
N SER B 115 -19.32 14.58 13.23
CA SER B 115 -19.46 14.04 14.57
C SER B 115 -18.15 13.42 15.06
N ARG B 116 -17.39 12.79 14.17
CA ARG B 116 -16.13 12.20 14.62
C ARG B 116 -15.18 13.30 15.05
N ILE B 117 -15.11 14.39 14.29
CA ILE B 117 -14.24 15.50 14.61
C ILE B 117 -14.69 16.15 15.91
N GLU B 118 -16.00 16.33 16.09
CA GLU B 118 -16.47 16.92 17.34
C GLU B 118 -16.09 16.06 18.53
N TYR B 119 -16.20 14.73 18.40
CA TYR B 119 -15.82 13.85 19.49
C TYR B 119 -14.35 14.02 19.84
N ILE B 120 -13.46 14.00 18.83
CA ILE B 120 -12.04 14.21 19.10
C ILE B 120 -11.86 15.54 19.84
N HIS B 121 -12.53 16.58 19.36
CA HIS B 121 -12.42 17.90 19.98
C HIS B 121 -12.96 17.88 21.41
N SER B 122 -14.00 17.10 21.65
CA SER B 122 -14.56 17.04 23.00
C SER B 122 -13.57 16.45 23.99
N LYS B 123 -12.55 15.73 23.51
CA LYS B 123 -11.52 15.14 24.34
C LYS B 123 -10.25 15.97 24.37
N ASN B 124 -10.33 17.23 23.93
CA ASN B 124 -9.31 18.26 24.07
C ASN B 124 -8.22 18.13 23.01
N PHE B 125 -8.43 17.36 21.94
CA PHE B 125 -7.44 17.19 20.90
C PHE B 125 -8.01 17.68 19.57
N ILE B 126 -7.11 18.13 18.70
CA ILE B 126 -7.36 18.33 17.28
C ILE B 126 -6.57 17.30 16.48
N HIS B 127 -7.16 16.82 15.38
CA HIS B 127 -6.60 15.70 14.64
C HIS B 127 -5.43 16.14 13.76
N ARG B 128 -5.64 17.18 12.97
CA ARG B 128 -4.62 17.83 12.15
C ARG B 128 -4.19 17.04 10.93
N ASP B 129 -4.85 15.93 10.61
CA ASP B 129 -4.56 15.13 9.43
C ASP B 129 -5.89 14.58 8.90
N VAL B 130 -6.87 15.46 8.75
CA VAL B 130 -8.21 15.05 8.31
C VAL B 130 -8.15 14.82 6.80
N LYS B 131 -8.34 13.59 6.34
CA LYS B 131 -8.23 13.24 4.91
C LYS B 131 -9.01 11.97 4.70
N PRO B 132 -9.39 11.66 3.47
CA PRO B 132 -10.16 10.40 3.28
C PRO B 132 -9.43 9.14 3.76
N ASP B 133 -8.11 9.08 3.71
CA ASP B 133 -7.40 7.88 4.15
C ASP B 133 -7.58 7.63 5.65
N ASN B 134 -7.96 8.64 6.43
CA ASN B 134 -8.05 8.52 7.87
C ASN B 134 -9.48 8.33 8.37
N PHE B 135 -10.41 8.03 7.46
CA PHE B 135 -11.76 7.58 7.81
C PHE B 135 -11.87 6.19 7.20
N LEU B 136 -12.22 5.24 8.04
CA LEU B 136 -12.32 3.84 7.66
C LEU B 136 -13.74 3.36 7.95
N MET B 137 -14.34 2.56 7.06
CA MET B 137 -15.64 1.98 7.41
C MET B 137 -15.50 0.82 8.39
N GLY B 138 -16.57 0.58 9.14
CA GLY B 138 -16.63 -0.58 10.00
C GLY B 138 -16.88 -1.89 9.23
N LEU B 139 -16.67 -3.00 9.95
CA LEU B 139 -16.93 -4.34 9.47
C LEU B 139 -18.33 -4.81 9.88
N GLY B 140 -18.92 -5.63 9.04
CA GLY B 140 -20.13 -6.34 9.43
C GLY B 140 -21.29 -5.43 9.77
N LYS B 141 -21.89 -5.65 10.94
CA LYS B 141 -23.02 -4.84 11.34
C LYS B 141 -22.64 -3.40 11.63
N LYS B 142 -21.35 -3.08 11.61
CA LYS B 142 -20.89 -1.70 11.78
C LYS B 142 -20.51 -1.08 10.45
N GLY B 143 -20.89 -1.71 9.34
CA GLY B 143 -20.43 -1.26 8.03
C GLY B 143 -21.02 0.04 7.56
N ASN B 144 -22.04 0.55 8.24
CA ASN B 144 -22.62 1.84 7.95
C ASN B 144 -22.00 2.93 8.83
N LEU B 145 -21.07 2.55 9.71
CA LEU B 145 -20.41 3.45 10.64
C LEU B 145 -19.05 3.89 10.12
N VAL B 146 -18.84 5.21 10.07
CA VAL B 146 -17.58 5.80 9.69
C VAL B 146 -16.70 5.91 10.93
N TYR B 147 -15.46 5.39 10.84
CA TYR B 147 -14.47 5.51 11.90
C TYR B 147 -13.40 6.53 11.52
N ILE B 148 -12.80 7.16 12.52
CA ILE B 148 -11.63 8.01 12.32
C ILE B 148 -10.40 7.42 12.98
N ILE B 149 -9.26 7.47 12.28
CA ILE B 149 -8.03 6.84 12.75
C ILE B 149 -6.85 7.80 12.65
N ASP B 150 -5.64 7.28 12.92
CA ASP B 150 -4.39 7.98 12.61
C ASP B 150 -4.25 9.26 13.44
N PHE B 151 -3.91 9.06 14.71
CA PHE B 151 -3.73 10.15 15.65
C PHE B 151 -2.27 10.54 15.83
N GLY B 152 -1.41 10.18 14.89
CA GLY B 152 0.01 10.47 15.04
C GLY B 152 0.39 11.95 14.95
N LEU B 153 -0.46 12.79 14.39
CA LEU B 153 -0.26 14.22 14.40
C LEU B 153 -1.24 14.94 15.33
N ALA B 154 -2.06 14.23 16.08
CA ALA B 154 -3.08 14.90 16.88
C ALA B 154 -2.40 15.69 18.00
N LYS B 155 -3.01 16.80 18.40
CA LYS B 155 -2.43 17.67 19.43
C LYS B 155 -3.52 18.24 20.32
N LYS B 156 -3.18 18.43 21.59
CA LYS B 156 -4.08 19.06 22.54
C LYS B 156 -4.25 20.53 22.19
N TYR B 157 -5.50 20.99 22.18
CA TYR B 157 -5.83 22.38 21.90
C TYR B 157 -6.36 23.14 23.10
N ARG B 158 -6.58 22.46 24.22
CA ARG B 158 -7.01 23.09 25.46
C ARG B 158 -6.49 22.24 26.61
N ASP B 159 -6.64 22.74 27.82
CA ASP B 159 -6.15 21.99 28.94
C ASP B 159 -7.26 21.16 29.58
N ALA B 160 -6.92 19.90 29.91
CA ALA B 160 -7.91 18.94 30.35
C ALA B 160 -8.72 19.52 31.50
N ARG B 161 -8.02 20.02 32.51
CA ARG B 161 -8.65 20.57 33.71
C ARG B 161 -9.33 21.90 33.42
N THR B 162 -8.54 22.88 32.99
CA THR B 162 -9.04 24.24 32.88
C THR B 162 -9.87 24.46 31.63
N HIS B 163 -9.56 23.78 30.52
CA HIS B 163 -10.26 24.01 29.26
C HIS B 163 -9.77 25.32 28.65
N GLN B 164 -8.55 25.69 29.03
CA GLN B 164 -7.96 26.95 28.60
C GLN B 164 -7.22 26.72 27.28
N HIS B 165 -7.60 27.49 26.28
CA HIS B 165 -7.22 27.15 24.92
C HIS B 165 -5.76 27.50 24.76
N ILE B 166 -5.09 26.82 23.85
CA ILE B 166 -3.75 27.21 23.44
C ILE B 166 -3.72 28.65 22.93
N PRO B 167 -2.58 29.33 23.03
CA PRO B 167 -2.46 30.69 22.50
C PRO B 167 -2.30 30.66 20.99
N TYR B 168 -2.80 31.71 20.31
CA TYR B 168 -2.48 31.87 18.89
C TYR B 168 -0.96 31.84 18.80
N ARG B 169 -0.41 31.04 17.89
CA ARG B 169 1.04 30.95 17.72
C ARG B 169 1.42 30.63 16.29
N GLU B 170 2.66 30.98 15.96
CA GLU B 170 3.22 30.73 14.63
C GLU B 170 3.14 29.24 14.28
N THR B 175 2.55 20.01 8.69
CA THR B 175 2.91 18.64 9.06
C THR B 175 2.03 17.64 8.34
N GLY B 176 0.74 17.97 8.26
CA GLY B 176 -0.23 17.16 7.56
C GLY B 176 -0.04 17.12 6.06
N THR B 177 -1.13 16.88 5.33
CA THR B 177 -1.08 16.69 3.89
C THR B 177 -1.53 18.00 3.25
N ALA B 178 -0.77 18.47 2.26
CA ALA B 178 -1.04 19.78 1.70
C ALA B 178 -2.41 19.86 1.01
N ARG B 179 -2.84 18.78 0.37
CA ARG B 179 -4.07 18.86 -0.42
C ARG B 179 -5.25 19.30 0.43
N TYR B 180 -5.37 18.79 1.66
CA TYR B 180 -6.54 19.07 2.48
C TYR B 180 -6.21 20.02 3.62
N ALA B 181 -5.00 20.57 3.66
CA ALA B 181 -4.60 21.43 4.76
C ALA B 181 -5.39 22.73 4.74
N SER B 182 -5.65 23.28 5.92
CA SER B 182 -6.31 24.56 5.96
C SER B 182 -5.35 25.64 5.48
N ILE B 183 -5.90 26.77 5.05
CA ILE B 183 -5.04 27.88 4.66
C ILE B 183 -4.18 28.32 5.83
N ASN B 184 -4.76 28.35 7.04
CA ASN B 184 -3.97 28.68 8.23
C ASN B 184 -2.74 27.78 8.33
N THR B 185 -2.90 26.49 8.05
CA THR B 185 -1.76 25.57 8.14
C THR B 185 -0.69 25.99 7.13
N HIS B 186 -1.10 26.31 5.90
CA HIS B 186 -0.14 26.78 4.91
C HIS B 186 0.52 28.07 5.34
N LEU B 187 -0.19 28.89 6.10
CA LEU B 187 0.33 30.16 6.60
C LEU B 187 1.23 30.00 7.80
N GLY B 188 1.41 28.77 8.26
CA GLY B 188 2.26 28.50 9.40
C GLY B 188 1.61 28.72 10.73
N ILE B 189 0.31 28.96 10.76
CA ILE B 189 -0.43 29.21 11.98
C ILE B 189 -0.75 27.91 12.70
N GLU B 190 -0.57 27.91 14.01
CA GLU B 190 -0.99 26.78 14.82
C GLU B 190 -2.44 26.41 14.50
N GLN B 191 -2.68 25.13 14.26
CA GLN B 191 -4.03 24.66 13.97
C GLN B 191 -4.88 24.60 15.23
N SER B 192 -6.20 24.79 15.03
CA SER B 192 -7.17 24.70 16.10
C SER B 192 -8.41 24.04 15.52
N ARG B 193 -9.52 24.06 16.27
CA ARG B 193 -10.68 23.24 15.90
C ARG B 193 -11.22 23.67 14.54
N ARG B 194 -11.20 24.96 14.24
CA ARG B 194 -11.71 25.41 12.96
C ARG B 194 -11.00 24.72 11.80
N ASP B 195 -9.70 24.40 11.97
CA ASP B 195 -8.91 23.90 10.84
C ASP B 195 -9.26 22.44 10.54
N ASP B 196 -9.55 21.67 11.57
CA ASP B 196 -10.02 20.32 11.32
C ASP B 196 -11.30 20.33 10.49
N LEU B 197 -12.21 21.25 10.80
CA LEU B 197 -13.46 21.33 10.09
C LEU B 197 -13.27 21.92 8.70
N GLU B 198 -12.35 22.88 8.56
CA GLU B 198 -12.06 23.42 7.24
C GLU B 198 -11.51 22.34 6.33
N SER B 199 -10.58 21.54 6.84
CA SER B 199 -10.07 20.43 6.06
C SER B 199 -11.22 19.52 5.62
N LEU B 200 -12.14 19.22 6.53
CA LEU B 200 -13.30 18.42 6.17
C LEU B 200 -14.07 19.04 5.01
N GLY B 201 -14.20 20.36 4.98
CA GLY B 201 -14.89 20.96 3.86
C GLY B 201 -14.19 20.67 2.55
N TYR B 202 -12.86 20.65 2.55
CA TYR B 202 -12.14 20.28 1.33
C TYR B 202 -12.30 18.81 1.00
N VAL B 203 -12.37 17.95 2.02
CA VAL B 203 -12.64 16.53 1.76
C VAL B 203 -13.99 16.36 1.08
N LEU B 204 -15.02 17.06 1.57
CA LEU B 204 -16.36 16.94 0.98
C LEU B 204 -16.42 17.44 -0.47
N MET B 205 -15.80 18.57 -0.78
CA MET B 205 -15.76 19.03 -2.16
C MET B 205 -14.91 18.11 -3.02
N TYR B 206 -13.92 17.48 -2.42
CA TYR B 206 -13.16 16.48 -3.15
C TYR B 206 -14.05 15.30 -3.54
N PHE B 207 -14.89 14.82 -2.61
CA PHE B 207 -15.82 13.77 -2.96
C PHE B 207 -16.83 14.27 -3.99
N ASN B 208 -17.25 15.53 -3.86
CA ASN B 208 -18.21 16.06 -4.82
C ASN B 208 -17.61 16.25 -6.20
N LEU B 209 -16.39 16.78 -6.29
CA LEU B 209 -15.85 17.21 -7.57
C LEU B 209 -15.09 16.12 -8.31
N GLY B 210 -14.48 15.18 -7.60
CA GLY B 210 -13.61 14.23 -8.22
C GLY B 210 -12.14 14.58 -8.21
N SER B 211 -11.81 15.84 -7.98
CA SER B 211 -10.45 16.33 -7.86
C SER B 211 -10.58 17.71 -7.24
N LEU B 212 -9.45 18.27 -6.83
CA LEU B 212 -9.44 19.63 -6.32
C LEU B 212 -8.69 20.58 -7.25
N PRO B 213 -8.98 21.88 -7.19
CA PRO B 213 -8.34 22.81 -8.15
C PRO B 213 -6.83 22.90 -7.96
N TRP B 214 -6.34 22.55 -6.78
CA TRP B 214 -4.92 22.61 -6.44
C TRP B 214 -4.24 21.26 -6.53
N GLN B 215 -4.87 20.27 -7.14
CA GLN B 215 -4.23 18.97 -7.28
C GLN B 215 -3.43 18.90 -8.58
N GLY B 216 -2.30 18.21 -8.50
CA GLY B 216 -1.44 17.96 -9.63
C GLY B 216 -0.58 19.12 -10.03
N LEU B 217 -0.34 20.08 -9.13
CA LEU B 217 0.55 21.19 -9.39
C LEU B 217 2.00 20.78 -9.09
N LYS B 218 2.91 21.21 -9.94
CA LYS B 218 4.32 20.91 -9.74
C LYS B 218 5.18 21.54 -10.83
N THR B 221 9.94 20.63 -7.44
CA THR B 221 10.43 20.23 -6.13
C THR B 221 9.26 19.86 -5.22
N LYS B 222 9.49 19.88 -3.90
CA LYS B 222 8.48 19.47 -2.93
C LYS B 222 8.00 20.60 -2.04
N ARG B 223 8.91 21.33 -1.41
CA ARG B 223 8.56 22.56 -0.70
C ARG B 223 7.85 23.55 -1.63
N GLN B 224 8.34 23.67 -2.86
CA GLN B 224 7.69 24.52 -3.86
C GLN B 224 6.28 24.02 -4.11
N LYS B 225 6.10 22.70 -4.18
CA LYS B 225 4.78 22.13 -4.41
C LYS B 225 3.81 22.60 -3.34
N TYR B 226 4.23 22.65 -2.08
CA TYR B 226 3.32 23.15 -1.06
C TYR B 226 2.94 24.60 -1.34
N GLU B 227 3.89 25.44 -1.76
CA GLU B 227 3.54 26.80 -2.15
C GLU B 227 2.57 26.84 -3.33
N ARG B 228 2.78 26.00 -4.33
CA ARG B 228 1.86 26.03 -5.46
C ARG B 228 0.46 25.67 -4.98
N ILE B 229 0.36 24.67 -4.11
CA ILE B 229 -0.93 24.33 -3.53
C ILE B 229 -1.47 25.49 -2.69
N SER B 230 -0.62 26.03 -1.81
CA SER B 230 -0.99 27.17 -0.97
C SER B 230 -1.50 28.35 -1.78
N GLU B 231 -0.71 28.80 -2.75
CA GLU B 231 -1.08 29.98 -3.53
C GLU B 231 -2.37 29.73 -4.29
N LYS B 232 -2.50 28.53 -4.84
CA LYS B 232 -3.70 28.18 -5.61
C LYS B 232 -4.94 28.19 -4.72
N LYS B 233 -4.84 27.65 -3.50
CA LYS B 233 -5.99 27.68 -2.59
C LYS B 233 -6.43 29.09 -2.27
N MET B 234 -5.49 29.99 -1.96
CA MET B 234 -5.85 31.38 -1.68
C MET B 234 -6.47 32.03 -2.90
N SER B 235 -5.98 31.69 -4.10
CA SER B 235 -6.41 32.36 -5.31
C SER B 235 -7.74 31.81 -5.83
N THR B 236 -8.26 30.75 -5.21
CA THR B 236 -9.50 30.14 -5.67
C THR B 236 -10.64 30.55 -4.74
N PRO B 237 -11.57 31.39 -5.18
CA PRO B 237 -12.69 31.75 -4.29
C PRO B 237 -13.54 30.52 -3.96
N ILE B 238 -14.12 30.54 -2.74
CA ILE B 238 -15.02 29.46 -2.36
C ILE B 238 -16.11 29.31 -3.40
N GLU B 239 -16.61 30.43 -3.92
CA GLU B 239 -17.69 30.39 -4.89
C GLU B 239 -17.23 29.81 -6.22
N VAL B 240 -15.96 29.99 -6.57
CA VAL B 240 -15.43 29.36 -7.77
C VAL B 240 -15.22 27.87 -7.56
N LEU B 241 -14.74 27.50 -6.36
CA LEU B 241 -14.53 26.08 -6.08
C LEU B 241 -15.85 25.31 -6.09
N CYS B 242 -16.91 25.93 -5.57
CA CYS B 242 -18.18 25.23 -5.37
C CYS B 242 -19.22 25.55 -6.44
N LYS B 243 -18.81 26.13 -7.56
CA LYS B 243 -19.76 26.42 -8.63
C LYS B 243 -20.48 25.14 -9.05
N GLY B 244 -21.81 25.21 -9.12
CA GLY B 244 -22.62 24.10 -9.58
C GLY B 244 -23.07 23.14 -8.51
N TYR B 245 -22.61 23.30 -7.28
CA TYR B 245 -23.08 22.51 -6.16
C TYR B 245 -23.89 23.29 -5.14
N PRO B 246 -24.64 22.59 -4.30
CA PRO B 246 -25.48 23.27 -3.31
C PRO B 246 -24.71 24.27 -2.47
N SER B 247 -25.38 25.39 -2.16
CA SER B 247 -24.72 26.49 -1.46
C SER B 247 -24.22 26.06 -0.10
N GLU B 248 -24.82 25.02 0.47
CA GLU B 248 -24.38 24.59 1.80
C GLU B 248 -22.88 24.26 1.84
N PHE B 249 -22.28 23.72 0.74
CA PHE B 249 -20.82 23.40 0.80
C PHE B 249 -20.04 24.71 0.97
N ALA B 250 -20.43 25.78 0.25
CA ALA B 250 -19.78 27.08 0.43
C ALA B 250 -20.08 27.68 1.80
N THR B 251 -21.32 27.56 2.26
CA THR B 251 -21.64 28.07 3.59
C THR B 251 -20.77 27.38 4.64
N TYR B 252 -20.60 26.06 4.50
CA TYR B 252 -19.79 25.33 5.46
C TYR B 252 -18.35 25.84 5.45
N LEU B 253 -17.74 25.95 4.27
CA LEU B 253 -16.35 26.36 4.20
C LEU B 253 -16.15 27.79 4.69
N ASN B 254 -17.07 28.69 4.34
CA ASN B 254 -16.93 30.08 4.79
C ASN B 254 -17.03 30.18 6.30
N PHE B 255 -17.95 29.44 6.91
CA PHE B 255 -18.06 29.44 8.36
C PHE B 255 -16.77 28.97 9.02
N CYS B 256 -16.19 27.87 8.51
CA CYS B 256 -15.00 27.36 9.16
C CYS B 256 -13.83 28.34 9.04
N ARG B 257 -13.69 28.97 7.87
CA ARG B 257 -12.63 29.95 7.65
C ARG B 257 -12.85 31.19 8.51
N SER B 258 -14.11 31.55 8.76
CA SER B 258 -14.45 32.73 9.56
C SER B 258 -14.34 32.49 11.06
N LEU B 259 -14.32 31.25 11.51
CA LEU B 259 -14.19 30.99 12.93
C LEU B 259 -12.91 31.59 13.46
N ARG B 260 -12.94 32.10 14.68
CA ARG B 260 -11.71 32.54 15.30
C ARG B 260 -10.94 31.37 15.92
N PHE B 261 -9.65 31.63 16.20
CA PHE B 261 -8.73 30.60 16.67
C PHE B 261 -9.33 29.81 17.83
N ASP B 262 -9.88 30.49 18.83
CA ASP B 262 -10.31 29.81 20.05
C ASP B 262 -11.78 29.41 20.03
N ASP B 263 -12.49 29.77 18.98
CA ASP B 263 -13.95 29.62 18.94
C ASP B 263 -14.34 28.15 18.95
N LYS B 264 -15.42 27.85 19.66
CA LYS B 264 -16.03 26.54 19.57
C LYS B 264 -16.92 26.47 18.33
N PRO B 265 -16.68 25.54 17.40
CA PRO B 265 -17.51 25.50 16.19
C PRO B 265 -18.94 25.14 16.60
N ASP B 266 -19.89 25.63 15.80
CA ASP B 266 -21.29 25.24 15.95
C ASP B 266 -21.49 23.95 15.15
N TYR B 267 -21.08 22.83 15.78
CA TYR B 267 -21.13 21.56 15.07
C TYR B 267 -22.56 21.22 14.69
N SER B 268 -23.52 21.51 15.57
CA SER B 268 -24.90 21.19 15.27
C SER B 268 -25.40 21.99 14.06
N TYR B 269 -25.07 23.28 14.01
CA TYR B 269 -25.39 24.10 12.85
C TYR B 269 -24.82 23.49 11.58
N LEU B 270 -23.55 23.10 11.60
CA LEU B 270 -22.92 22.59 10.39
C LEU B 270 -23.58 21.29 9.97
N ARG B 271 -23.82 20.38 10.92
CA ARG B 271 -24.53 19.16 10.61
C ARG B 271 -25.93 19.47 10.08
N GLN B 272 -26.62 20.46 10.67
CA GLN B 272 -28.01 20.71 10.30
C GLN B 272 -28.09 21.32 8.89
N LEU B 273 -27.05 22.05 8.48
CA LEU B 273 -26.97 22.51 7.10
C LEU B 273 -27.15 21.35 6.14
N PHE B 274 -26.41 20.28 6.36
CA PHE B 274 -26.46 19.16 5.43
C PHE B 274 -27.69 18.30 5.65
N ARG B 275 -28.15 18.16 6.90
CA ARG B 275 -29.37 17.40 7.17
C ARG B 275 -30.59 18.05 6.52
N ASN B 276 -30.67 19.37 6.54
CA ASN B 276 -31.81 20.04 5.90
C ASN B 276 -31.78 19.87 4.38
N LEU B 277 -30.61 20.02 3.76
CA LEU B 277 -30.46 19.74 2.34
C LEU B 277 -30.82 18.29 2.02
N PHE B 278 -30.35 17.34 2.84
CA PHE B 278 -30.67 15.93 2.62
C PHE B 278 -32.19 15.76 2.56
N HIS B 279 -32.91 16.38 3.50
CA HIS B 279 -34.37 16.28 3.52
C HIS B 279 -34.99 16.96 2.30
N ARG B 280 -34.52 18.16 1.95
CA ARG B 280 -35.11 18.87 0.82
C ARG B 280 -34.86 18.11 -0.47
N GLN B 281 -33.69 17.47 -0.59
CA GLN B 281 -33.43 16.63 -1.75
C GLN B 281 -34.27 15.35 -1.67
N GLY B 282 -34.83 15.05 -0.50
CA GLY B 282 -35.67 13.89 -0.26
C GLY B 282 -34.98 12.54 -0.32
N PHE B 283 -33.69 12.49 0.05
CA PHE B 283 -33.01 11.21 0.16
C PHE B 283 -33.47 10.39 1.37
N SER B 284 -33.39 9.06 1.24
CA SER B 284 -33.73 8.14 2.32
C SER B 284 -32.62 8.02 3.37
N TYR B 285 -33.01 7.89 4.65
CA TYR B 285 -32.05 7.65 5.73
C TYR B 285 -31.83 6.15 5.93
N ASP B 286 -31.48 5.45 4.86
CA ASP B 286 -31.22 4.01 4.85
C ASP B 286 -29.73 3.65 4.82
N TYR B 287 -28.85 4.64 4.75
CA TYR B 287 -27.41 4.43 4.85
C TYR B 287 -26.92 3.48 3.75
N VAL B 288 -27.51 3.55 2.54
CA VAL B 288 -26.99 2.75 1.45
C VAL B 288 -26.09 3.75 0.73
N PHE B 289 -24.83 3.42 0.68
CA PHE B 289 -23.81 4.18 0.00
C PHE B 289 -23.67 3.82 -1.46
N ASP B 290 -23.00 4.72 -2.19
CA ASP B 290 -22.78 4.54 -3.61
C ASP B 290 -22.15 3.18 -3.87
N TRP B 291 -21.29 2.73 -2.96
CA TRP B 291 -20.64 1.45 -3.18
C TRP B 291 -21.48 0.25 -2.79
N ASN B 292 -22.70 0.45 -2.29
CA ASN B 292 -23.62 -0.66 -2.07
C ASN B 292 -24.42 -0.96 -3.32
N MET B 293 -24.47 0.00 -4.26
CA MET B 293 -25.27 -0.12 -5.47
C MET B 293 -24.44 -0.58 -6.66
N LEU B 294 -23.15 -0.82 -6.47
CA LEU B 294 -22.29 -1.28 -7.55
C LEU B 294 -22.72 -2.65 -8.05
N LYS B 295 -22.81 -2.79 -9.38
CA LYS B 295 -23.08 -4.06 -10.04
C LYS B 295 -21.75 -4.78 -10.31
N PHE B 296 -21.85 -6.04 -10.73
CA PHE B 296 -20.68 -6.84 -11.01
C PHE B 296 -21.03 -7.91 -12.04
N GLY B 297 -20.00 -8.41 -12.73
CA GLY B 297 -20.21 -9.39 -13.77
C GLY B 297 -18.92 -9.92 -14.33
N ALA B 298 -18.90 -10.21 -15.63
CA ALA B 298 -17.73 -10.76 -16.30
C ALA B 298 -16.87 -9.65 -16.90
N SER B 299 -15.66 -10.02 -17.29
CA SER B 299 -14.74 -9.07 -17.92
C SER B 299 -15.34 -8.44 -19.19
C1 A1AD7 C . 2.44 -6.39 -6.60
C10 A1AD7 C . -3.62 -9.95 -8.36
C12 A1AD7 C . -2.44 -9.65 -9.03
C14 A1AD7 C . -0.07 -9.65 -4.07
C15 A1AD7 C . 0.06 -9.25 -2.74
C16 A1AD7 C . -0.33 -10.13 -1.75
C18 A1AD7 C . -0.94 -11.71 -3.23
C20 A1AD7 C . -1.37 -12.91 -5.04
C21 A1AD7 C . -0.86 -11.71 -5.48
C22 A1AD7 C . -0.58 -10.93 -4.33
C3 A1AD7 C . 1.40 -7.98 -5.05
C4 A1AD7 C . 0.29 -8.78 -5.15
C5 A1AD7 C . -0.24 -8.49 -6.44
C7 A1AD7 C . -1.44 -8.99 -7.05
C8 A1AD7 C . -2.58 -9.26 -6.31
C9 A1AD7 C . -3.70 -9.75 -6.99
F11 A1AD7 C . -4.65 -10.43 -9.06
N13 A1AD7 C . -1.35 -9.17 -8.40
N17 A1AD7 C . -0.84 -11.37 -1.94
N19 A1AD7 C . -1.42 -12.91 -3.66
N2 A1AD7 C . 1.44 -7.34 -6.25
N6 A1AD7 C . 0.47 -7.61 -7.12
C1 A1AD7 D . -3.48 4.04 8.29
C10 A1AD7 D . -2.99 0.58 14.68
C12 A1AD7 D . -2.94 1.92 14.31
C14 A1AD7 D . -6.04 0.41 10.15
C15 A1AD7 D . -6.29 -0.49 9.11
C16 A1AD7 D . -7.25 -1.49 9.30
C18 A1AD7 D . -7.70 -0.79 11.38
C20 A1AD7 D . -7.80 0.27 13.35
C21 A1AD7 D . -6.84 0.93 12.59
C22 A1AD7 D . -6.78 0.25 11.34
C3 A1AD7 D . -4.95 2.19 8.90
C4 A1AD7 D . -5.06 1.43 10.03
C5 A1AD7 D . -4.06 1.92 10.90
C7 A1AD7 D . -3.70 1.43 12.20
C8 A1AD7 D . -3.78 0.07 12.48
C9 A1AD7 D . -3.42 -0.36 13.75
F11 A1AD7 D . -2.63 0.19 15.91
N13 A1AD7 D . -3.29 2.37 13.08
N17 A1AD7 D . -7.98 -1.67 10.42
N19 A1AD7 D . -8.31 -0.77 12.61
N2 A1AD7 D . -3.94 3.05 9.18
N6 A1AD7 D . -3.36 2.93 10.39
#